data_4DKN
#
_entry.id   4DKN
#
_cell.length_a   59.254
_cell.length_b   125.576
_cell.length_c   106.465
_cell.angle_alpha   90.00
_cell.angle_beta   90.00
_cell.angle_gamma   90.00
#
_symmetry.space_group_name_H-M   'C 2 2 21'
#
loop_
_entity.id
_entity.type
_entity.pdbx_description
1 polymer 'AMPHIOXUS GREEN FLUORESCENT PROTEIN, GFPA1'
2 water water
#
_entity_poly.entity_id   1
_entity_poly.type   'polypeptide(L)'
_entity_poly.pdbx_seq_one_letter_code
;GSHGMPLPATHDIHLHGSINGHEFDMVGGGKGDPNAGSLVTTAKSTKGALKFSPYLMIPHL(CR2)YYQYLPYPDGPSPF
QVSMLEGSGYAVYRVFDFEDGGKLSTEFKYSYEGSHIKADMKLMGSGFPDDGPVMTSQIVDQDGCVSKKTYLNNNTIVDS
FDWSYNLQNGKRYRARVSSHYIFDKPFSADLMKKQPVFVYRKCHVKATKTEVTLDEREKAFYELA
;
_entity_poly.pdbx_strand_id   A,B
#
# COMPACT_ATOMS: atom_id res chain seq x y z
N PRO A 6 -11.12 -3.68 29.82
CA PRO A 6 -11.37 -4.88 29.00
C PRO A 6 -11.41 -4.53 27.52
N LEU A 7 -11.46 -5.55 26.67
CA LEU A 7 -11.54 -5.34 25.23
C LEU A 7 -12.94 -4.81 24.95
N PRO A 8 -13.13 -4.12 23.82
CA PRO A 8 -14.45 -3.57 23.47
C PRO A 8 -15.47 -4.61 23.00
N ALA A 9 -16.74 -4.26 23.14
CA ALA A 9 -17.84 -5.13 22.72
C ALA A 9 -18.88 -4.33 21.96
N THR A 10 -19.13 -3.10 22.40
CA THR A 10 -20.10 -2.23 21.75
C THR A 10 -19.55 -0.81 21.65
N HIS A 11 -20.16 -0.01 20.79
CA HIS A 11 -19.71 1.36 20.61
C HIS A 11 -20.80 2.27 20.05
N ASP A 12 -20.61 3.57 20.23
CA ASP A 12 -21.54 4.54 19.68
C ASP A 12 -20.65 5.49 18.90
N ILE A 13 -21.23 6.15 17.91
CA ILE A 13 -20.47 7.05 17.06
C ILE A 13 -21.21 8.35 16.81
N HIS A 14 -20.45 9.43 16.67
CA HIS A 14 -21.00 10.74 16.35
C HIS A 14 -20.05 11.37 15.35
N LEU A 15 -20.51 11.51 14.12
CA LEU A 15 -19.70 12.13 13.07
C LEU A 15 -20.29 13.48 12.75
N HIS A 16 -19.43 14.48 12.58
CA HIS A 16 -19.90 15.82 12.28
C HIS A 16 -18.80 16.63 11.63
N GLY A 17 -19.19 17.72 11.01
CA GLY A 17 -18.25 18.58 10.33
C GLY A 17 -18.90 19.14 9.09
N SER A 18 -18.11 19.37 8.05
CA SER A 18 -18.63 19.92 6.81
C SER A 18 -17.88 19.39 5.60
N ILE A 19 -18.60 19.28 4.49
CA ILE A 19 -18.04 18.82 3.22
C ILE A 19 -18.41 19.90 2.21
N ASN A 20 -17.40 20.50 1.58
CA ASN A 20 -17.63 21.56 0.60
C ASN A 20 -18.44 22.71 1.20
N GLY A 21 -18.16 23.03 2.46
CA GLY A 21 -18.84 24.12 3.13
C GLY A 21 -20.23 23.83 3.68
N HIS A 22 -20.68 22.60 3.57
CA HIS A 22 -22.01 22.23 4.07
C HIS A 22 -21.92 21.28 5.26
N GLU A 23 -22.51 21.71 6.37
CA GLU A 23 -22.51 20.94 7.61
C GLU A 23 -23.31 19.63 7.52
N PHE A 24 -22.84 18.62 8.24
CA PHE A 24 -23.51 17.33 8.30
C PHE A 24 -23.34 16.78 9.71
N ASP A 25 -24.20 15.87 10.10
CA ASP A 25 -24.14 15.29 11.43
C ASP A 25 -24.81 13.92 11.41
N MET A 26 -24.11 12.91 11.93
CA MET A 26 -24.64 11.56 11.96
C MET A 26 -24.38 10.92 13.32
N VAL A 27 -25.33 10.11 13.79
CA VAL A 27 -25.20 9.44 15.07
C VAL A 27 -25.63 7.98 14.96
N GLY A 28 -25.05 7.14 15.79
CA GLY A 28 -25.40 5.72 15.76
C GLY A 28 -24.44 4.92 16.60
N GLY A 29 -24.21 3.67 16.20
CA GLY A 29 -23.30 2.82 16.94
C GLY A 29 -23.30 1.42 16.39
N GLY A 30 -22.73 0.51 17.16
CA GLY A 30 -22.67 -0.88 16.73
C GLY A 30 -21.94 -1.74 17.74
N LYS A 31 -21.31 -2.81 17.24
CA LYS A 31 -20.58 -3.72 18.09
C LYS A 31 -19.52 -4.42 17.26
N GLY A 32 -18.69 -5.21 17.92
CA GLY A 32 -17.65 -5.92 17.21
C GLY A 32 -17.05 -7.06 18.01
N ASP A 33 -16.15 -7.79 17.38
CA ASP A 33 -15.48 -8.93 17.99
C ASP A 33 -13.98 -8.60 18.01
N PRO A 34 -13.45 -8.22 19.18
CA PRO A 34 -12.03 -7.86 19.32
C PRO A 34 -11.05 -9.02 19.15
N ASN A 35 -11.58 -10.24 19.04
CA ASN A 35 -10.73 -11.41 18.82
C ASN A 35 -10.63 -11.70 17.33
N ALA A 36 -11.62 -11.23 16.57
CA ALA A 36 -11.65 -11.46 15.13
C ALA A 36 -11.32 -10.23 14.29
N GLY A 37 -11.36 -9.05 14.92
CA GLY A 37 -11.06 -7.82 14.19
C GLY A 37 -12.24 -7.30 13.39
N SER A 38 -13.40 -7.89 13.58
CA SER A 38 -14.60 -7.48 12.84
C SER A 38 -15.48 -6.57 13.67
N LEU A 39 -16.28 -5.76 12.97
CA LEU A 39 -17.20 -4.86 13.64
C LEU A 39 -18.26 -4.37 12.68
N VAL A 40 -19.34 -3.85 13.25
CA VAL A 40 -20.44 -3.30 12.48
C VAL A 40 -20.77 -1.95 13.10
N THR A 41 -21.10 -0.99 12.24
CA THR A 41 -21.47 0.35 12.69
C THR A 41 -22.55 0.91 11.81
N THR A 42 -23.56 1.51 12.43
CA THR A 42 -24.65 2.13 11.70
C THR A 42 -24.72 3.59 12.15
N ALA A 43 -24.80 4.50 11.19
CA ALA A 43 -24.89 5.92 11.50
C ALA A 43 -26.04 6.52 10.71
N LYS A 44 -26.82 7.36 11.37
CA LYS A 44 -27.96 8.00 10.74
C LYS A 44 -27.86 9.52 10.81
N SER A 45 -28.21 10.19 9.71
CA SER A 45 -28.14 11.64 9.67
C SER A 45 -29.16 12.28 10.59
N THR A 46 -28.81 13.44 11.14
CA THR A 46 -29.71 14.17 12.03
C THR A 46 -30.10 15.49 11.35
N LYS A 47 -29.62 15.69 10.12
CA LYS A 47 -29.91 16.90 9.39
C LYS A 47 -30.49 16.62 8.00
N GLY A 48 -31.26 15.55 7.91
CA GLY A 48 -31.86 15.19 6.63
C GLY A 48 -30.87 14.52 5.69
N ALA A 49 -31.27 14.38 4.43
CA ALA A 49 -30.44 13.74 3.42
C ALA A 49 -29.06 14.37 3.28
N LEU A 50 -28.04 13.52 3.16
CA LEU A 50 -26.67 14.00 2.98
C LEU A 50 -26.59 14.59 1.57
N LYS A 51 -25.82 15.66 1.42
CA LYS A 51 -25.66 16.32 0.13
C LYS A 51 -24.51 15.75 -0.70
N PHE A 52 -23.83 14.77 -0.15
CA PHE A 52 -22.69 14.14 -0.81
C PHE A 52 -22.86 12.63 -0.70
N SER A 53 -22.02 11.87 -1.42
CA SER A 53 -22.11 10.42 -1.36
C SER A 53 -22.04 9.88 0.05
N PRO A 54 -23.01 9.04 0.44
CA PRO A 54 -23.00 8.47 1.80
C PRO A 54 -21.76 7.61 2.00
N TYR A 55 -21.18 7.15 0.90
CA TYR A 55 -19.98 6.33 0.97
C TYR A 55 -18.78 7.12 1.45
N LEU A 56 -18.89 8.45 1.48
CA LEU A 56 -17.77 9.27 1.96
C LEU A 56 -17.60 9.03 3.46
N MET A 57 -18.62 8.46 4.11
CA MET A 57 -18.54 8.15 5.53
C MET A 57 -17.74 6.88 5.79
N ILE A 58 -17.31 6.23 4.72
CA ILE A 58 -16.50 5.02 4.78
C ILE A 58 -15.08 5.43 4.41
N PRO A 59 -14.07 4.91 5.11
CA PRO A 59 -14.06 3.96 6.23
C PRO A 59 -14.19 4.52 7.64
N HIS A 60 -14.59 5.78 7.77
CA HIS A 60 -14.70 6.40 9.08
C HIS A 60 -15.58 5.69 10.11
N LEU A 61 -16.62 4.98 9.67
CA LEU A 61 -17.51 4.27 10.59
C LEU A 61 -16.78 3.14 11.32
N TYR A 63 -12.62 2.02 14.58
CA TYR A 63 -12.35 1.45 15.90
C TYR A 63 -11.30 0.35 15.87
N TYR A 64 -10.02 0.72 15.94
CA TYR A 64 -8.96 -0.29 15.94
C TYR A 64 -8.84 -1.00 17.28
N GLN A 65 -9.70 -0.63 18.23
CA GLN A 65 -9.69 -1.30 19.53
C GLN A 65 -10.20 -2.74 19.34
N TYR A 66 -10.80 -3.00 18.17
CA TYR A 66 -11.31 -4.34 17.86
C TYR A 66 -10.27 -5.15 17.08
N LEU A 67 -9.14 -4.53 16.78
CA LEU A 67 -8.08 -5.17 15.99
C LEU A 67 -6.96 -5.90 16.73
N PRO A 68 -6.90 -7.23 16.57
CA PRO A 68 -5.80 -7.93 17.26
C PRO A 68 -4.61 -7.94 16.29
N TYR A 69 -3.42 -8.19 16.81
CA TYR A 69 -2.25 -8.26 15.96
C TYR A 69 -1.91 -9.73 15.71
N PRO A 70 -0.92 -10.00 14.83
CA PRO A 70 -0.55 -11.39 14.52
C PRO A 70 -0.08 -12.26 15.68
N ASP A 71 0.42 -11.65 16.74
CA ASP A 71 0.92 -12.42 17.88
C ASP A 71 0.40 -11.96 19.23
N GLY A 72 -0.74 -11.27 19.23
CA GLY A 72 -1.32 -10.80 20.46
C GLY A 72 -2.11 -9.53 20.24
N PRO A 73 -2.60 -8.88 21.31
CA PRO A 73 -3.38 -7.65 21.15
C PRO A 73 -2.58 -6.53 20.49
N SER A 74 -3.26 -5.70 19.70
CA SER A 74 -2.62 -4.58 19.03
C SER A 74 -2.37 -3.48 20.05
N PRO A 75 -1.55 -2.48 19.68
CA PRO A 75 -1.28 -1.38 20.63
C PRO A 75 -2.57 -0.63 20.96
N PHE A 76 -3.50 -0.62 20.01
CA PHE A 76 -4.79 0.05 20.19
C PHE A 76 -5.57 -0.66 21.29
N GLN A 77 -5.48 -1.99 21.32
CA GLN A 77 -6.18 -2.78 22.33
C GLN A 77 -5.46 -2.68 23.67
N VAL A 78 -4.13 -2.76 23.67
CA VAL A 78 -3.36 -2.65 24.90
C VAL A 78 -3.68 -1.32 25.57
N SER A 79 -3.72 -0.26 24.77
CA SER A 79 -4.01 1.07 25.26
C SER A 79 -5.32 1.06 26.03
N MET A 80 -6.38 0.56 25.39
CA MET A 80 -7.69 0.50 26.03
C MET A 80 -7.70 -0.36 27.28
N LEU A 81 -7.06 -1.53 27.22
CA LEU A 81 -7.01 -2.43 28.35
C LEU A 81 -6.35 -1.80 29.58
N GLU A 82 -5.31 -1.00 29.35
CA GLU A 82 -4.60 -0.36 30.45
C GLU A 82 -5.25 0.93 30.92
N GLY A 83 -6.41 1.27 30.36
CA GLY A 83 -7.10 2.47 30.77
C GLY A 83 -6.52 3.76 30.20
N SER A 84 -5.76 3.64 29.12
CA SER A 84 -5.17 4.81 28.48
C SER A 84 -6.00 5.11 27.23
N GLY A 85 -5.41 5.82 26.29
CA GLY A 85 -6.15 6.16 25.07
C GLY A 85 -5.27 6.71 23.96
N TYR A 86 -5.90 6.97 22.82
CA TYR A 86 -5.18 7.52 21.67
C TYR A 86 -6.15 8.28 20.78
N ALA A 87 -5.61 9.17 19.96
CA ALA A 87 -6.42 9.96 19.03
C ALA A 87 -5.99 9.59 17.61
N VAL A 88 -6.89 9.75 16.65
CA VAL A 88 -6.59 9.42 15.25
C VAL A 88 -6.75 10.63 14.34
N TYR A 89 -5.73 10.87 13.52
CA TYR A 89 -5.75 11.98 12.58
C TYR A 89 -5.42 11.44 11.19
N ARG A 90 -6.28 11.76 10.22
CA ARG A 90 -6.04 11.31 8.86
C ARG A 90 -6.22 12.43 7.86
N VAL A 91 -5.52 12.29 6.74
CA VAL A 91 -5.65 13.23 5.64
C VAL A 91 -5.82 12.37 4.39
N PHE A 92 -6.92 12.61 3.68
CA PHE A 92 -7.24 11.91 2.44
C PHE A 92 -6.99 12.87 1.29
N ASP A 93 -6.10 12.49 0.38
CA ASP A 93 -5.78 13.30 -0.79
C ASP A 93 -6.40 12.59 -1.99
N PHE A 94 -7.56 13.07 -2.42
CA PHE A 94 -8.28 12.46 -3.55
C PHE A 94 -7.70 12.84 -4.90
N GLU A 95 -7.80 11.93 -5.85
CA GLU A 95 -7.24 12.14 -7.18
C GLU A 95 -7.77 13.35 -7.93
N ASP A 96 -8.98 13.80 -7.62
CA ASP A 96 -9.54 14.95 -8.32
C ASP A 96 -9.48 16.25 -7.54
N GLY A 97 -8.58 16.32 -6.56
CA GLY A 97 -8.43 17.56 -5.80
C GLY A 97 -9.16 17.64 -4.47
N GLY A 98 -10.11 16.75 -4.24
CA GLY A 98 -10.82 16.78 -2.97
C GLY A 98 -9.87 16.47 -1.83
N LYS A 99 -10.10 17.09 -0.68
CA LYS A 99 -9.28 16.87 0.50
C LYS A 99 -10.20 16.59 1.69
N LEU A 100 -9.81 15.64 2.53
CA LEU A 100 -10.60 15.32 3.71
C LEU A 100 -9.67 15.13 4.90
N SER A 101 -9.86 15.93 5.94
CA SER A 101 -9.07 15.84 7.16
C SER A 101 -9.99 15.33 8.26
N THR A 102 -9.52 14.34 9.02
CA THR A 102 -10.35 13.77 10.07
C THR A 102 -9.67 13.70 11.42
N GLU A 103 -10.49 13.76 12.47
CA GLU A 103 -10.02 13.69 13.85
C GLU A 103 -10.95 12.79 14.65
N PHE A 104 -10.42 11.72 15.24
CA PHE A 104 -11.24 10.83 16.05
C PHE A 104 -10.74 10.87 17.50
N LYS A 105 -11.67 10.97 18.44
CA LYS A 105 -11.34 10.96 19.86
C LYS A 105 -12.31 9.97 20.51
N TYR A 106 -11.86 9.31 21.56
CA TYR A 106 -12.67 8.29 22.22
C TYR A 106 -12.73 8.44 23.74
N SER A 107 -13.76 7.82 24.31
CA SER A 107 -13.94 7.76 25.76
C SER A 107 -14.43 6.33 25.99
N TYR A 108 -14.04 5.75 27.11
CA TYR A 108 -14.42 4.36 27.41
C TYR A 108 -15.21 4.19 28.70
N GLU A 109 -16.12 3.23 28.68
CA GLU A 109 -16.92 2.87 29.85
C GLU A 109 -17.00 1.36 29.79
N GLY A 110 -16.08 0.70 30.48
CA GLY A 110 -16.06 -0.75 30.44
C GLY A 110 -15.74 -1.18 29.03
N SER A 111 -16.56 -2.05 28.46
CA SER A 111 -16.34 -2.54 27.11
C SER A 111 -17.06 -1.69 26.06
N HIS A 112 -17.58 -0.54 26.46
CA HIS A 112 -18.29 0.33 25.52
C HIS A 112 -17.42 1.52 25.13
N ILE A 113 -17.35 1.78 23.83
CA ILE A 113 -16.55 2.89 23.31
C ILE A 113 -17.44 3.99 22.74
N LYS A 114 -17.12 5.24 23.08
CA LYS A 114 -17.83 6.39 22.54
C LYS A 114 -16.84 7.12 21.65
N ALA A 115 -17.19 7.30 20.38
CA ALA A 115 -16.31 7.97 19.44
C ALA A 115 -16.88 9.27 18.91
N ASP A 116 -16.04 10.31 18.91
CA ASP A 116 -16.41 11.61 18.37
C ASP A 116 -15.52 11.79 17.14
N MET A 117 -16.13 11.92 15.99
CA MET A 117 -15.38 12.07 14.75
C MET A 117 -15.70 13.35 14.01
N LYS A 118 -14.66 14.14 13.76
CA LYS A 118 -14.82 15.41 13.06
C LYS A 118 -14.20 15.26 11.68
N LEU A 119 -15.00 15.52 10.65
CA LEU A 119 -14.54 15.42 9.28
C LEU A 119 -14.70 16.76 8.57
N MET A 120 -13.64 17.23 7.95
CA MET A 120 -13.68 18.48 7.20
C MET A 120 -13.15 18.22 5.81
N GLY A 121 -14.05 18.31 4.84
CA GLY A 121 -13.68 18.07 3.45
C GLY A 121 -13.98 19.24 2.57
N SER A 122 -13.16 19.43 1.54
CA SER A 122 -13.34 20.54 0.62
C SER A 122 -12.69 20.23 -0.72
N GLY A 123 -13.04 21.03 -1.73
CA GLY A 123 -12.45 20.85 -3.04
C GLY A 123 -13.00 19.73 -3.91
N PHE A 124 -14.14 19.17 -3.54
CA PHE A 124 -14.75 18.10 -4.33
C PHE A 124 -15.52 18.72 -5.48
N PRO A 125 -15.17 18.37 -6.73
CA PRO A 125 -15.88 18.93 -7.89
C PRO A 125 -17.37 18.65 -7.79
N ASP A 126 -18.19 19.66 -8.10
CA ASP A 126 -19.64 19.49 -8.02
C ASP A 126 -20.17 18.39 -8.94
N ASP A 127 -19.40 18.05 -9.97
CA ASP A 127 -19.82 17.01 -10.89
C ASP A 127 -18.99 15.74 -10.69
N GLY A 128 -18.22 15.73 -9.61
CA GLY A 128 -17.38 14.58 -9.29
C GLY A 128 -18.14 13.44 -8.65
N PRO A 129 -17.51 12.27 -8.49
CA PRO A 129 -18.16 11.10 -7.87
C PRO A 129 -18.68 11.26 -6.46
N VAL A 130 -18.08 12.15 -5.68
CA VAL A 130 -18.54 12.37 -4.32
C VAL A 130 -19.82 13.21 -4.29
N MET A 131 -19.78 14.38 -4.91
CA MET A 131 -20.94 15.25 -4.91
C MET A 131 -22.13 14.75 -5.73
N THR A 132 -21.91 13.86 -6.68
CA THR A 132 -23.00 13.33 -7.48
C THR A 132 -23.32 11.86 -7.13
N SER A 133 -22.82 11.41 -5.98
CA SER A 133 -23.05 10.06 -5.50
C SER A 133 -22.88 8.96 -6.55
N GLN A 134 -21.67 8.84 -7.09
CA GLN A 134 -21.34 7.82 -8.09
C GLN A 134 -20.72 6.59 -7.45
N ILE A 135 -20.34 6.70 -6.18
CA ILE A 135 -19.70 5.59 -5.49
C ILE A 135 -20.67 4.47 -5.13
N VAL A 136 -20.26 3.23 -5.40
CA VAL A 136 -21.10 2.08 -5.11
C VAL A 136 -20.44 1.01 -4.23
N ASP A 137 -19.13 1.13 -4.00
CA ASP A 137 -18.42 0.12 -3.20
C ASP A 137 -16.98 0.62 -3.00
N GLN A 138 -16.16 -0.20 -2.35
CA GLN A 138 -14.76 0.14 -2.16
C GLN A 138 -13.93 -1.15 -2.14
N ASP A 139 -12.75 -1.08 -2.73
CA ASP A 139 -11.84 -2.22 -2.80
C ASP A 139 -11.27 -2.58 -1.44
N GLY A 140 -10.87 -3.84 -1.30
CA GLY A 140 -10.22 -4.30 -0.08
C GLY A 140 -8.97 -3.44 -0.06
N CYS A 141 -8.38 -3.27 1.12
CA CYS A 141 -7.27 -2.36 1.25
C CYS A 141 -6.22 -2.79 2.28
N VAL A 142 -4.95 -2.54 1.97
CA VAL A 142 -3.88 -2.87 2.91
C VAL A 142 -3.17 -1.63 3.41
N SER A 143 -3.14 -1.47 4.73
CA SER A 143 -2.48 -0.32 5.35
C SER A 143 -1.12 -0.74 5.91
N LYS A 144 -0.15 0.18 5.85
CA LYS A 144 1.20 -0.07 6.33
C LYS A 144 1.50 0.79 7.54
N LYS A 145 1.69 0.16 8.70
CA LYS A 145 1.95 0.86 9.94
C LYS A 145 3.40 0.79 10.41
N THR A 146 3.94 1.93 10.82
CA THR A 146 5.30 2.00 11.36
C THR A 146 5.25 2.91 12.59
N TYR A 147 6.30 2.87 13.40
CA TYR A 147 6.34 3.68 14.61
C TYR A 147 7.14 4.96 14.45
N LEU A 148 6.67 6.01 15.12
CA LEU A 148 7.35 7.30 15.08
C LEU A 148 7.38 7.86 16.49
N ASN A 149 8.53 8.42 16.87
CA ASN A 149 8.69 8.98 18.20
C ASN A 149 8.38 7.93 19.26
N ASN A 150 7.94 8.36 20.43
CA ASN A 150 7.66 7.41 21.51
C ASN A 150 6.18 7.08 21.72
N ASN A 151 5.29 7.78 21.03
CA ASN A 151 3.87 7.54 21.22
C ASN A 151 3.02 7.61 19.96
N THR A 152 3.62 7.46 18.79
CA THR A 152 2.86 7.55 17.57
C THR A 152 3.03 6.40 16.61
N ILE A 153 1.93 6.02 15.96
CA ILE A 153 1.96 4.99 14.94
C ILE A 153 1.51 5.75 13.71
N VAL A 154 2.22 5.55 12.61
CA VAL A 154 1.87 6.23 11.38
C VAL A 154 1.54 5.18 10.34
N ASP A 155 0.58 5.46 9.47
CA ASP A 155 0.32 4.53 8.41
C ASP A 155 -0.04 5.24 7.13
N SER A 156 -0.02 4.47 6.06
CA SER A 156 -0.36 4.98 4.75
C SER A 156 -1.15 3.89 4.05
N PHE A 157 -2.06 4.29 3.19
CA PHE A 157 -2.81 3.34 2.39
C PHE A 157 -3.37 4.06 1.18
N ASP A 158 -3.52 3.31 0.10
CA ASP A 158 -4.04 3.83 -1.14
C ASP A 158 -5.46 3.30 -1.25
N TRP A 159 -6.39 4.16 -0.87
CA TRP A 159 -7.80 3.86 -0.86
C TRP A 159 -8.43 3.98 -2.24
N SER A 160 -9.38 3.10 -2.55
CA SER A 160 -10.05 3.20 -3.83
C SER A 160 -11.51 2.78 -3.79
N TYR A 161 -12.37 3.72 -4.14
CA TYR A 161 -13.81 3.49 -4.21
C TYR A 161 -14.10 2.95 -5.61
N ASN A 162 -15.19 2.21 -5.74
CA ASN A 162 -15.63 1.68 -7.03
C ASN A 162 -16.79 2.57 -7.45
N LEU A 163 -16.82 2.94 -8.73
CA LEU A 163 -17.88 3.80 -9.23
C LEU A 163 -18.92 3.07 -10.07
N GLN A 164 -20.09 3.70 -10.18
CA GLN A 164 -21.23 3.19 -10.93
C GLN A 164 -20.80 2.91 -12.37
N ASN A 165 -19.93 3.76 -12.92
CA ASN A 165 -19.47 3.58 -14.30
C ASN A 165 -18.36 2.56 -14.48
N GLY A 166 -18.01 1.85 -13.40
CA GLY A 166 -16.97 0.84 -13.50
C GLY A 166 -15.55 1.30 -13.17
N LYS A 167 -15.34 2.62 -13.11
CA LYS A 167 -14.02 3.14 -12.80
C LYS A 167 -13.79 3.17 -11.30
N ARG A 168 -12.59 3.58 -10.90
CA ARG A 168 -12.24 3.68 -9.50
C ARG A 168 -11.99 5.14 -9.17
N TYR A 169 -12.14 5.49 -7.89
CA TYR A 169 -11.92 6.85 -7.43
C TYR A 169 -10.96 6.69 -6.26
N ARG A 170 -9.73 7.16 -6.46
CA ARG A 170 -8.65 6.99 -5.50
C ARG A 170 -8.30 8.12 -4.57
N ALA A 171 -7.70 7.76 -3.45
CA ALA A 171 -7.23 8.71 -2.46
C ALA A 171 -5.96 8.16 -1.81
N ARG A 172 -4.98 9.04 -1.63
CA ARG A 172 -3.73 8.71 -0.97
C ARG A 172 -4.03 9.10 0.48
N VAL A 173 -3.88 8.16 1.41
CA VAL A 173 -4.20 8.44 2.80
C VAL A 173 -3.04 8.29 3.78
N SER A 174 -3.01 9.19 4.75
CA SER A 174 -2.00 9.17 5.79
C SER A 174 -2.72 9.16 7.14
N SER A 175 -2.27 8.33 8.06
CA SER A 175 -2.88 8.24 9.38
C SER A 175 -1.83 8.42 10.47
N HIS A 176 -2.21 9.12 11.52
CA HIS A 176 -1.33 9.32 12.66
C HIS A 176 -2.16 8.97 13.90
N TYR A 177 -1.70 7.97 14.64
CA TYR A 177 -2.37 7.52 15.86
C TYR A 177 -1.48 7.99 17.00
N ILE A 178 -1.94 8.99 17.75
CA ILE A 178 -1.16 9.53 18.86
C ILE A 178 -1.67 9.01 20.19
N PHE A 179 -0.80 8.28 20.89
CA PHE A 179 -1.15 7.70 22.18
C PHE A 179 -0.81 8.62 23.35
N ASP A 180 -1.57 8.49 24.44
CA ASP A 180 -1.36 9.32 25.62
C ASP A 180 -0.07 8.99 26.37
N LYS A 181 0.40 7.75 26.24
CA LYS A 181 1.63 7.35 26.92
C LYS A 181 2.58 6.61 25.98
N PRO A 182 3.89 6.72 26.23
CA PRO A 182 4.94 6.08 25.43
C PRO A 182 4.83 4.56 25.39
N PHE A 183 5.29 3.96 24.30
CA PHE A 183 5.27 2.51 24.14
C PHE A 183 6.40 1.88 24.96
N LYS A 190 8.50 -4.87 16.26
CA LYS A 190 8.00 -5.48 15.03
C LYS A 190 7.28 -4.48 14.14
N GLN A 191 7.89 -4.16 13.00
CA GLN A 191 7.32 -3.24 12.03
C GLN A 191 8.06 -3.42 10.71
N PRO A 192 7.42 -3.09 9.58
CA PRO A 192 6.04 -2.59 9.51
C PRO A 192 5.01 -3.64 9.88
N VAL A 193 3.81 -3.19 10.19
CA VAL A 193 2.70 -4.07 10.49
C VAL A 193 1.69 -3.76 9.39
N PHE A 194 1.28 -4.78 8.65
CA PHE A 194 0.32 -4.59 7.57
C PHE A 194 -1.06 -5.06 8.01
N VAL A 195 -2.10 -4.38 7.53
CA VAL A 195 -3.45 -4.79 7.87
C VAL A 195 -4.36 -4.76 6.65
N TYR A 196 -4.90 -5.92 6.31
CA TYR A 196 -5.84 -6.01 5.19
C TYR A 196 -7.23 -5.76 5.77
N ARG A 197 -8.01 -4.92 5.11
CA ARG A 197 -9.35 -4.65 5.58
C ARG A 197 -10.32 -4.62 4.41
N LYS A 198 -11.55 -5.03 4.65
CA LYS A 198 -12.59 -5.01 3.64
C LYS A 198 -13.85 -4.43 4.26
N CYS A 199 -14.44 -3.46 3.57
CA CYS A 199 -15.65 -2.79 4.03
C CYS A 199 -16.87 -3.21 3.22
N HIS A 200 -17.88 -3.73 3.91
CA HIS A 200 -19.13 -4.14 3.27
C HIS A 200 -20.14 -3.08 3.71
N VAL A 201 -20.65 -2.34 2.75
CA VAL A 201 -21.55 -1.22 3.05
C VAL A 201 -22.95 -1.24 2.44
N LYS A 202 -23.91 -0.77 3.22
CA LYS A 202 -25.31 -0.65 2.81
C LYS A 202 -25.63 0.81 3.14
N ALA A 203 -26.04 1.59 2.14
CA ALA A 203 -26.31 2.99 2.41
C ALA A 203 -27.47 3.63 1.69
N THR A 204 -27.97 4.71 2.30
CA THR A 204 -29.05 5.53 1.75
C THR A 204 -28.57 6.95 2.04
N LYS A 205 -29.31 7.94 1.59
CA LYS A 205 -28.91 9.31 1.81
C LYS A 205 -29.03 9.75 3.28
N THR A 206 -29.64 8.92 4.11
CA THR A 206 -29.80 9.26 5.52
C THR A 206 -29.18 8.28 6.51
N GLU A 207 -28.84 7.08 6.05
CA GLU A 207 -28.26 6.08 6.94
C GLU A 207 -27.23 5.22 6.23
N VAL A 208 -26.13 4.93 6.93
CA VAL A 208 -25.06 4.11 6.37
C VAL A 208 -24.66 3.02 7.37
N THR A 209 -24.51 1.80 6.87
CA THR A 209 -24.09 0.68 7.72
C THR A 209 -22.84 0.04 7.16
N LEU A 210 -21.87 -0.18 8.04
CA LEU A 210 -20.60 -0.78 7.68
C LEU A 210 -20.33 -2.08 8.43
N ASP A 211 -19.90 -3.08 7.69
CA ASP A 211 -19.52 -4.38 8.24
C ASP A 211 -18.05 -4.43 7.81
N GLU A 212 -17.15 -4.29 8.78
CA GLU A 212 -15.71 -4.28 8.49
C GLU A 212 -15.00 -5.51 8.99
N ARG A 213 -14.10 -6.03 8.15
CA ARG A 213 -13.30 -7.19 8.47
C ARG A 213 -11.83 -6.74 8.42
N GLU A 214 -11.02 -7.24 9.35
CA GLU A 214 -9.60 -6.87 9.40
C GLU A 214 -8.71 -8.06 9.70
N LYS A 215 -7.51 -8.04 9.13
CA LYS A 215 -6.53 -9.09 9.38
C LYS A 215 -5.13 -8.53 9.23
N ALA A 216 -4.40 -8.47 10.34
CA ALA A 216 -3.05 -7.96 10.35
C ALA A 216 -2.03 -9.05 10.09
N PHE A 217 -0.86 -8.65 9.60
CA PHE A 217 0.23 -9.57 9.35
C PHE A 217 1.55 -8.79 9.33
N TYR A 218 2.61 -9.45 9.78
CA TYR A 218 3.94 -8.85 9.77
C TYR A 218 4.61 -9.24 8.47
N GLU A 219 4.41 -10.50 8.07
CA GLU A 219 5.01 -11.02 6.84
C GLU A 219 4.26 -12.25 6.36
N LEU A 220 4.30 -12.48 5.05
CA LEU A 220 3.64 -13.64 4.44
C LEU A 220 4.66 -14.46 3.65
N ALA A 221 5.93 -14.06 3.72
CA ALA A 221 7.01 -14.74 3.03
C ALA A 221 8.35 -14.29 3.61
N PRO B 6 7.67 -22.10 -21.44
CA PRO B 6 7.76 -22.63 -20.07
C PRO B 6 7.96 -21.51 -19.07
N LEU B 7 7.83 -21.83 -17.78
CA LEU B 7 8.06 -20.84 -16.73
C LEU B 7 9.56 -20.62 -16.65
N PRO B 8 9.99 -19.47 -16.12
CA PRO B 8 11.43 -19.20 -16.02
C PRO B 8 12.17 -20.03 -15.00
N ALA B 9 13.45 -20.25 -15.26
CA ALA B 9 14.34 -21.00 -14.37
C ALA B 9 15.58 -20.16 -14.11
N THR B 10 16.06 -19.46 -15.15
CA THR B 10 17.26 -18.64 -15.02
C THR B 10 17.08 -17.30 -15.73
N HIS B 11 17.93 -16.34 -15.40
CA HIS B 11 17.84 -15.03 -16.01
C HIS B 11 19.16 -14.26 -16.00
N ASP B 12 19.28 -13.34 -16.95
CA ASP B 12 20.43 -12.45 -17.04
C ASP B 12 19.90 -11.06 -16.78
N ILE B 13 20.74 -10.18 -16.26
CA ILE B 13 20.31 -8.82 -15.99
C ILE B 13 21.37 -7.84 -16.46
N HIS B 14 20.92 -6.71 -16.98
CA HIS B 14 21.81 -5.64 -17.41
C HIS B 14 21.15 -4.35 -16.97
N LEU B 15 21.72 -3.70 -15.97
CA LEU B 15 21.19 -2.44 -15.48
C LEU B 15 22.14 -1.34 -15.90
N HIS B 16 21.59 -0.23 -16.34
CA HIS B 16 22.41 0.89 -16.79
C HIS B 16 21.61 2.18 -16.81
N GLY B 17 22.32 3.29 -16.85
CA GLY B 17 21.69 4.59 -16.88
C GLY B 17 22.56 5.54 -16.09
N SER B 18 21.94 6.48 -15.39
CA SER B 18 22.71 7.44 -14.61
C SER B 18 21.98 7.84 -13.33
N ILE B 19 22.77 8.19 -12.32
CA ILE B 19 22.25 8.65 -11.03
C ILE B 19 22.96 9.96 -10.76
N ASN B 20 22.18 11.04 -10.60
CA ASN B 20 22.75 12.36 -10.35
C ASN B 20 23.74 12.77 -11.44
N GLY B 21 23.46 12.38 -12.68
CA GLY B 21 24.32 12.76 -13.79
C GLY B 21 25.55 11.90 -14.02
N HIS B 22 25.71 10.83 -13.25
CA HIS B 22 26.86 9.95 -13.40
C HIS B 22 26.40 8.58 -13.89
N GLU B 23 26.97 8.13 -15.00
CA GLU B 23 26.63 6.85 -15.59
C GLU B 23 27.08 5.66 -14.75
N PHE B 24 26.32 4.58 -14.83
CA PHE B 24 26.65 3.35 -14.11
C PHE B 24 26.21 2.19 -15.01
N ASP B 25 26.78 1.01 -14.79
CA ASP B 25 26.45 -0.15 -15.60
C ASP B 25 26.74 -1.40 -14.79
N MET B 26 25.77 -2.32 -14.75
CA MET B 26 25.95 -3.57 -14.02
C MET B 26 25.39 -4.72 -14.83
N VAL B 27 26.05 -5.87 -14.74
CA VAL B 27 25.61 -7.07 -15.44
C VAL B 27 25.69 -8.27 -14.51
N GLY B 28 24.85 -9.27 -14.80
CA GLY B 28 24.85 -10.47 -13.98
C GLY B 28 23.63 -11.30 -14.29
N GLY B 29 23.06 -11.92 -13.26
CA GLY B 29 21.88 -12.73 -13.46
C GLY B 29 21.63 -13.61 -12.26
N GLY B 30 20.76 -14.61 -12.44
CA GLY B 30 20.44 -15.51 -11.35
C GLY B 30 19.47 -16.58 -11.76
N LYS B 31 18.68 -17.03 -10.79
CA LYS B 31 17.70 -18.08 -11.02
C LYS B 31 16.56 -17.91 -10.03
N GLY B 32 15.51 -18.68 -10.20
CA GLY B 32 14.39 -18.57 -9.29
C GLY B 32 13.48 -19.77 -9.35
N ASP B 33 12.48 -19.76 -8.48
CA ASP B 33 11.50 -20.83 -8.36
C ASP B 33 10.14 -20.19 -8.62
N PRO B 34 9.61 -20.34 -9.83
CA PRO B 34 8.31 -19.76 -10.20
C PRO B 34 7.11 -20.37 -9.47
N ASN B 35 7.35 -21.43 -8.71
CA ASN B 35 6.31 -22.09 -7.93
C ASN B 35 6.25 -21.42 -6.56
N ALA B 36 7.41 -20.97 -6.09
CA ALA B 36 7.53 -20.32 -4.78
C ALA B 36 7.50 -18.81 -4.85
N GLY B 37 7.73 -18.25 -6.03
CA GLY B 37 7.75 -16.81 -6.19
C GLY B 37 9.08 -16.22 -5.73
N SER B 38 10.06 -17.08 -5.50
CA SER B 38 11.36 -16.62 -5.04
C SER B 38 12.40 -16.57 -6.17
N LEU B 39 13.42 -15.74 -5.96
CA LEU B 39 14.48 -15.63 -6.94
C LEU B 39 15.72 -15.00 -6.34
N VAL B 40 16.84 -15.21 -7.02
CA VAL B 40 18.11 -14.63 -6.60
C VAL B 40 18.71 -13.97 -7.83
N THR B 41 19.31 -12.81 -7.64
CA THR B 41 19.93 -12.08 -8.72
C THR B 41 21.22 -11.44 -8.22
N THR B 42 22.27 -11.53 -9.02
CA THR B 42 23.54 -10.93 -8.65
C THR B 42 23.95 -10.02 -9.80
N ALA B 43 24.34 -8.79 -9.47
CA ALA B 43 24.76 -7.83 -10.49
C ALA B 43 26.10 -7.25 -10.08
N LYS B 44 26.99 -7.09 -11.06
CA LYS B 44 28.32 -6.57 -10.81
C LYS B 44 28.63 -5.38 -11.72
N SER B 45 29.20 -4.34 -11.14
CA SER B 45 29.53 -3.14 -11.90
C SER B 45 30.60 -3.40 -12.96
N THR B 46 30.48 -2.69 -14.08
CA THR B 46 31.44 -2.81 -15.17
C THR B 46 32.20 -1.49 -15.32
N LYS B 47 31.97 -0.57 -14.38
CA LYS B 47 32.63 0.72 -14.40
C LYS B 47 33.27 1.04 -13.05
N GLY B 48 33.65 0.00 -12.32
CA GLY B 48 34.27 0.20 -11.02
C GLY B 48 33.26 0.41 -9.90
N ALA B 49 33.72 0.95 -8.78
CA ALA B 49 32.88 1.19 -7.62
C ALA B 49 31.71 2.13 -7.92
N LEU B 50 30.54 1.80 -7.37
CA LEU B 50 29.35 2.62 -7.55
C LEU B 50 29.49 3.89 -6.70
N LYS B 51 29.04 5.02 -7.24
CA LYS B 51 29.14 6.29 -6.53
C LYS B 51 27.95 6.52 -5.60
N PHE B 52 27.04 5.56 -5.56
CA PHE B 52 25.85 5.64 -4.72
C PHE B 52 25.64 4.32 -3.99
N SER B 53 24.74 4.33 -3.00
CA SER B 53 24.46 3.12 -2.24
C SER B 53 24.10 1.96 -3.16
N PRO B 54 24.76 0.80 -3.00
CA PRO B 54 24.43 -0.33 -3.86
C PRO B 54 22.98 -0.77 -3.67
N TYR B 55 22.41 -0.40 -2.52
CA TYR B 55 21.03 -0.75 -2.21
C TYR B 55 20.04 -0.02 -3.10
N LEU B 56 20.50 1.03 -3.80
CA LEU B 56 19.62 1.76 -4.70
C LEU B 56 19.23 0.84 -5.86
N MET B 57 20.01 -0.24 -6.06
CA MET B 57 19.71 -1.20 -7.13
C MET B 57 18.62 -2.19 -6.70
N ILE B 58 18.13 -2.02 -5.47
CA ILE B 58 17.06 -2.85 -4.92
C ILE B 58 15.81 -1.95 -4.89
N PRO B 59 14.64 -2.49 -5.26
CA PRO B 59 14.29 -3.84 -5.71
C PRO B 59 14.45 -4.17 -7.20
N HIS B 60 15.17 -3.34 -7.95
CA HIS B 60 15.32 -3.56 -9.38
C HIS B 60 15.89 -4.91 -9.81
N LEU B 61 16.76 -5.50 -8.99
CA LEU B 61 17.35 -6.81 -9.29
C LEU B 61 16.27 -7.91 -9.37
N TYR B 63 11.72 -9.47 -11.79
CA TYR B 63 11.20 -10.56 -12.62
C TYR B 63 9.93 -11.16 -12.05
N TYR B 64 8.79 -10.59 -12.42
CA TYR B 64 7.52 -11.12 -11.93
C TYR B 64 7.11 -12.39 -12.67
N GLN B 65 7.96 -12.85 -13.59
CA GLN B 65 7.69 -14.08 -14.32
C GLN B 65 7.83 -15.25 -13.33
N TYR B 66 8.43 -14.98 -12.18
CA TYR B 66 8.61 -15.98 -11.13
C TYR B 66 7.48 -15.92 -10.11
N LEU B 67 6.56 -14.98 -10.30
CA LEU B 67 5.46 -14.79 -9.37
C LEU B 67 4.14 -15.49 -9.68
N PRO B 68 3.74 -16.45 -8.83
CA PRO B 68 2.47 -17.14 -9.07
C PRO B 68 1.41 -16.44 -8.22
N TYR B 69 0.14 -16.69 -8.53
CA TYR B 69 -0.95 -16.13 -7.73
C TYR B 69 -1.54 -17.33 -6.97
N PRO B 70 -2.35 -17.08 -5.93
CA PRO B 70 -2.95 -18.16 -5.14
C PRO B 70 -3.75 -19.19 -5.93
N ASP B 71 -4.37 -18.74 -7.02
CA ASP B 71 -5.20 -19.61 -7.83
C ASP B 71 -4.63 -19.99 -9.19
N GLY B 72 -3.31 -19.83 -9.34
CA GLY B 72 -2.68 -20.18 -10.61
C GLY B 72 -1.65 -19.16 -11.07
N PRO B 73 -0.99 -19.42 -12.21
CA PRO B 73 0.02 -18.51 -12.74
C PRO B 73 -0.49 -17.07 -12.85
N SER B 74 0.36 -16.12 -12.49
CA SER B 74 0.00 -14.70 -12.55
C SER B 74 -0.04 -14.24 -14.01
N PRO B 75 -0.56 -13.03 -14.27
CA PRO B 75 -0.61 -12.55 -15.65
C PRO B 75 0.80 -12.44 -16.24
N PHE B 76 1.77 -12.14 -15.39
CA PHE B 76 3.16 -12.01 -15.81
C PHE B 76 3.68 -13.36 -16.30
N GLN B 77 3.35 -14.42 -15.58
CA GLN B 77 3.78 -15.76 -15.96
C GLN B 77 3.05 -16.24 -17.22
N VAL B 78 1.76 -15.97 -17.30
CA VAL B 78 0.98 -16.38 -18.46
C VAL B 78 1.53 -15.70 -19.71
N SER B 79 1.90 -14.43 -19.58
CA SER B 79 2.46 -13.69 -20.71
C SER B 79 3.67 -14.43 -21.26
N MET B 80 4.57 -14.84 -20.38
CA MET B 80 5.77 -15.56 -20.81
C MET B 80 5.42 -16.93 -21.39
N LEU B 81 4.53 -17.65 -20.72
CA LEU B 81 4.13 -18.97 -21.16
C LEU B 81 3.51 -18.99 -22.57
N GLU B 82 2.66 -18.00 -22.86
CA GLU B 82 1.99 -17.93 -24.16
C GLU B 82 2.84 -17.32 -25.26
N GLY B 83 4.11 -17.08 -24.97
CA GLY B 83 4.99 -16.51 -25.98
C GLY B 83 4.74 -15.04 -26.25
N SER B 84 4.16 -14.35 -25.28
CA SER B 84 3.88 -12.93 -25.43
C SER B 84 4.89 -12.16 -24.59
N GLY B 85 4.55 -10.95 -24.16
CA GLY B 85 5.48 -10.18 -23.35
C GLY B 85 4.87 -8.92 -22.76
N TYR B 86 5.63 -8.28 -21.89
CA TYR B 86 5.21 -7.04 -21.24
C TYR B 86 6.43 -6.22 -20.87
N ALA B 87 6.22 -4.94 -20.63
CA ALA B 87 7.30 -4.03 -20.24
C ALA B 87 6.91 -3.43 -18.90
N VAL B 88 7.91 -2.98 -18.14
CA VAL B 88 7.69 -2.41 -16.82
C VAL B 88 8.23 -0.98 -16.70
N TYR B 89 7.39 -0.09 -16.19
CA TYR B 89 7.75 1.32 -15.99
C TYR B 89 7.47 1.71 -14.54
N ARG B 90 8.47 2.27 -13.88
CA ARG B 90 8.27 2.71 -12.49
C ARG B 90 8.83 4.10 -12.25
N VAL B 91 8.24 4.78 -11.26
CA VAL B 91 8.69 6.09 -10.83
C VAL B 91 8.75 6.04 -9.31
N PHE B 92 9.93 6.31 -8.77
CA PHE B 92 10.16 6.34 -7.33
C PHE B 92 10.27 7.80 -6.91
N ASP B 93 9.40 8.21 -5.99
CA ASP B 93 9.41 9.57 -5.47
C ASP B 93 9.90 9.49 -4.03
N PHE B 94 11.20 9.77 -3.84
CA PHE B 94 11.80 9.69 -2.51
C PHE B 94 11.47 10.88 -1.63
N GLU B 95 11.42 10.63 -0.32
CA GLU B 95 11.05 11.67 0.64
C GLU B 95 11.95 12.90 0.67
N ASP B 96 13.21 12.78 0.25
CA ASP B 96 14.13 13.91 0.27
C ASP B 96 14.36 14.57 -1.07
N GLY B 97 13.43 14.36 -2.01
CA GLY B 97 13.56 14.98 -3.31
C GLY B 97 14.12 14.12 -4.43
N GLY B 98 14.78 13.02 -4.08
CA GLY B 98 15.32 12.14 -5.10
C GLY B 98 14.23 11.55 -5.96
N LYS B 99 14.54 11.35 -7.24
CA LYS B 99 13.59 10.77 -8.19
C LYS B 99 14.29 9.67 -8.98
N LEU B 100 13.60 8.56 -9.21
CA LEU B 100 14.18 7.47 -9.99
C LEU B 100 13.11 6.91 -10.93
N SER B 101 13.41 6.92 -12.23
CA SER B 101 12.48 6.40 -13.23
C SER B 101 13.13 5.18 -13.86
N THR B 102 12.36 4.11 -14.02
CA THR B 102 12.90 2.87 -14.58
C THR B 102 12.07 2.29 -15.71
N GLU B 103 12.74 1.54 -16.58
CA GLU B 103 12.11 0.88 -17.73
C GLU B 103 12.77 -0.49 -17.86
N PHE B 104 11.97 -1.55 -17.79
CA PHE B 104 12.48 -2.91 -17.94
C PHE B 104 11.89 -3.54 -19.20
N LYS B 105 12.75 -4.16 -20.01
CA LYS B 105 12.33 -4.86 -21.22
C LYS B 105 12.94 -6.25 -21.15
N TYR B 106 12.22 -7.25 -21.64
CA TYR B 106 12.67 -8.63 -21.58
C TYR B 106 12.62 -9.36 -22.91
N SER B 107 13.42 -10.42 -23.01
CA SER B 107 13.44 -11.29 -24.17
C SER B 107 13.51 -12.68 -23.54
N TYR B 108 12.93 -13.67 -24.22
CA TYR B 108 12.89 -15.03 -23.69
C TYR B 108 13.47 -16.08 -24.62
N GLU B 109 14.15 -17.05 -24.04
CA GLU B 109 14.75 -18.17 -24.76
C GLU B 109 14.47 -19.38 -23.88
N GLY B 110 13.38 -20.08 -24.16
CA GLY B 110 13.04 -21.22 -23.34
C GLY B 110 12.76 -20.72 -21.93
N SER B 111 13.40 -21.34 -20.94
CA SER B 111 13.20 -20.93 -19.55
C SER B 111 14.21 -19.88 -19.09
N HIS B 112 14.92 -19.27 -20.03
CA HIS B 112 15.90 -18.24 -19.68
C HIS B 112 15.43 -16.85 -20.08
N ILE B 113 15.46 -15.92 -19.12
CA ILE B 113 15.04 -14.55 -19.36
C ILE B 113 16.21 -13.58 -19.45
N LYS B 114 16.14 -12.65 -20.39
CA LYS B 114 17.16 -11.62 -20.53
C LYS B 114 16.47 -10.29 -20.22
N ALA B 115 16.98 -9.57 -19.23
CA ALA B 115 16.39 -8.30 -18.86
C ALA B 115 17.30 -7.12 -19.09
N ASP B 116 16.76 -6.08 -19.71
CA ASP B 116 17.49 -4.85 -19.96
C ASP B 116 16.78 -3.81 -19.10
N MET B 117 17.49 -3.25 -18.13
CA MET B 117 16.90 -2.27 -17.23
C MET B 117 17.58 -0.91 -17.28
N LYS B 118 16.81 0.10 -17.66
CA LYS B 118 17.32 1.46 -17.73
C LYS B 118 16.82 2.25 -16.53
N LEU B 119 17.75 2.85 -15.79
CA LEU B 119 17.40 3.65 -14.63
C LEU B 119 17.95 5.05 -14.71
N MET B 120 17.10 6.03 -14.48
CA MET B 120 17.52 7.43 -14.50
C MET B 120 17.10 8.07 -13.18
N GLY B 121 18.10 8.42 -12.37
CA GLY B 121 17.83 9.03 -11.08
C GLY B 121 18.49 10.38 -10.93
N SER B 122 17.86 11.27 -10.17
CA SER B 122 18.40 12.60 -9.96
C SER B 122 17.85 13.23 -8.70
N GLY B 123 18.48 14.30 -8.24
CA GLY B 123 18.01 14.99 -7.05
C GLY B 123 18.37 14.40 -5.70
N PHE B 124 19.25 13.41 -5.67
CA PHE B 124 19.64 12.82 -4.40
C PHE B 124 20.67 13.71 -3.72
N PRO B 125 20.34 14.23 -2.52
CA PRO B 125 21.28 15.10 -1.81
C PRO B 125 22.63 14.41 -1.59
N ASP B 126 23.72 15.13 -1.81
CA ASP B 126 25.04 14.54 -1.64
C ASP B 126 25.31 14.04 -0.23
N ASP B 127 24.59 14.59 0.76
CA ASP B 127 24.77 14.17 2.14
C ASP B 127 23.61 13.26 2.57
N GLY B 128 22.81 12.84 1.61
CA GLY B 128 21.67 11.99 1.89
C GLY B 128 22.05 10.53 2.05
N PRO B 129 21.11 9.67 2.50
CA PRO B 129 21.37 8.25 2.70
C PRO B 129 21.82 7.47 1.47
N VAL B 130 21.41 7.89 0.28
CA VAL B 130 21.80 7.20 -0.94
C VAL B 130 23.24 7.50 -1.33
N MET B 131 23.59 8.79 -1.46
CA MET B 131 24.94 9.15 -1.85
C MET B 131 26.00 8.90 -0.79
N THR B 132 25.60 8.79 0.47
CA THR B 132 26.56 8.51 1.54
C THR B 132 26.46 7.07 2.03
N SER B 133 25.76 6.24 1.27
CA SER B 133 25.59 4.83 1.60
C SER B 133 25.23 4.53 3.06
N GLN B 134 24.10 5.07 3.50
CA GLN B 134 23.63 4.86 4.87
C GLN B 134 22.63 3.70 4.93
N ILE B 135 22.19 3.23 3.77
CA ILE B 135 21.22 2.14 3.70
C ILE B 135 21.82 0.79 4.09
N VAL B 136 21.13 0.05 4.95
CA VAL B 136 21.61 -1.25 5.42
C VAL B 136 20.63 -2.40 5.19
N ASP B 137 19.39 -2.09 4.82
CA ASP B 137 18.38 -3.11 4.61
C ASP B 137 17.13 -2.42 4.07
N GLN B 138 16.06 -3.19 3.91
CA GLN B 138 14.78 -2.64 3.46
C GLN B 138 13.64 -3.45 4.07
N ASP B 139 12.57 -2.75 4.46
CA ASP B 139 11.40 -3.39 5.06
C ASP B 139 10.64 -4.25 4.07
N GLY B 140 9.91 -5.21 4.61
CA GLY B 140 9.04 -6.05 3.80
C GLY B 140 8.08 -5.02 3.21
N CYS B 141 7.47 -5.34 2.08
CA CYS B 141 6.61 -4.38 1.39
C CYS B 141 5.41 -5.00 0.70
N VAL B 142 4.27 -4.29 0.71
CA VAL B 142 3.07 -4.78 0.05
C VAL B 142 2.67 -3.87 -1.10
N SER B 143 2.54 -4.46 -2.29
CA SER B 143 2.15 -3.73 -3.49
C SER B 143 0.69 -4.01 -3.82
N LYS B 144 0.00 -3.01 -4.34
CA LYS B 144 -1.42 -3.10 -4.70
C LYS B 144 -1.59 -3.01 -6.20
N LYS B 145 -2.05 -4.09 -6.82
CA LYS B 145 -2.23 -4.15 -8.27
C LYS B 145 -3.69 -4.08 -8.75
N THR B 146 -3.94 -3.21 -9.72
CA THR B 146 -5.27 -3.07 -10.31
C THR B 146 -5.09 -2.99 -11.82
N TYR B 147 -6.19 -3.16 -12.55
CA TYR B 147 -6.15 -3.13 -14.01
C TYR B 147 -6.56 -1.80 -14.63
N LEU B 148 -5.80 -1.36 -15.62
CA LEU B 148 -6.07 -0.12 -16.34
C LEU B 148 -6.12 -0.45 -17.82
N ASN B 149 -7.09 0.13 -18.52
CA ASN B 149 -7.25 -0.13 -19.94
C ASN B 149 -7.47 -1.64 -20.05
N ASN B 150 -7.04 -2.26 -21.13
CA ASN B 150 -7.24 -3.70 -21.29
C ASN B 150 -5.94 -4.50 -21.33
N ASN B 151 -4.80 -3.81 -21.26
CA ASN B 151 -3.52 -4.50 -21.31
C ASN B 151 -2.51 -3.92 -20.33
N THR B 152 -2.99 -3.24 -19.31
CA THR B 152 -2.08 -2.66 -18.34
C THR B 152 -2.45 -2.95 -16.89
N ILE B 153 -1.44 -3.26 -16.09
CA ILE B 153 -1.62 -3.48 -14.67
C ILE B 153 -0.90 -2.31 -14.02
N VAL B 154 -1.53 -1.70 -13.04
CA VAL B 154 -0.89 -0.60 -12.35
C VAL B 154 -0.79 -0.94 -10.89
N ASP B 155 0.32 -0.55 -10.26
CA ASP B 155 0.42 -0.78 -8.84
C ASP B 155 1.07 0.38 -8.14
N SER B 156 0.98 0.34 -6.82
CA SER B 156 1.58 1.36 -5.99
C SER B 156 2.10 0.66 -4.75
N PHE B 157 3.16 1.20 -4.19
CA PHE B 157 3.70 0.69 -2.95
C PHE B 157 4.53 1.75 -2.28
N ASP B 158 4.56 1.71 -0.95
CA ASP B 158 5.32 2.65 -0.16
C ASP B 158 6.56 1.91 0.30
N TRP B 159 7.65 2.17 -0.42
CA TRP B 159 8.93 1.54 -0.15
C TRP B 159 9.67 2.21 0.99
N SER B 160 10.38 1.42 1.79
CA SER B 160 11.18 1.98 2.87
C SER B 160 12.46 1.20 3.15
N TYR B 161 13.58 1.91 3.02
CA TYR B 161 14.90 1.35 3.29
C TYR B 161 15.16 1.56 4.77
N ASN B 162 16.01 0.74 5.35
CA ASN B 162 16.40 0.89 6.76
C ASN B 162 17.78 1.52 6.73
N LEU B 163 18.02 2.49 7.62
CA LEU B 163 19.31 3.17 7.67
C LEU B 163 20.13 2.71 8.87
N GLN B 164 21.44 2.96 8.82
CA GLN B 164 22.34 2.57 9.90
C GLN B 164 21.91 3.15 11.24
N ASN B 165 21.45 4.39 11.24
CA ASN B 165 21.02 5.06 12.47
C ASN B 165 19.67 4.60 12.99
N GLY B 166 19.06 3.61 12.34
CA GLY B 166 17.78 3.11 12.79
C GLY B 166 16.59 3.77 12.14
N LYS B 167 16.81 4.87 11.43
CA LYS B 167 15.72 5.57 10.76
C LYS B 167 15.37 4.86 9.45
N ARG B 168 14.36 5.39 8.76
CA ARG B 168 13.93 4.83 7.49
C ARG B 168 14.04 5.88 6.40
N TYR B 169 14.17 5.43 5.15
CA TYR B 169 14.26 6.32 4.00
C TYR B 169 13.18 5.81 3.06
N ARG B 170 12.14 6.64 2.90
CA ARG B 170 10.96 6.28 2.13
C ARG B 170 10.82 6.78 0.70
N ALA B 171 10.02 6.05 -0.07
CA ALA B 171 9.73 6.42 -1.44
C ALA B 171 8.32 5.97 -1.80
N ARG B 172 7.60 6.84 -2.49
CA ARG B 172 6.26 6.55 -2.97
C ARG B 172 6.52 6.01 -4.37
N VAL B 173 6.04 4.81 -4.67
CA VAL B 173 6.29 4.20 -5.96
C VAL B 173 5.06 3.86 -6.77
N SER B 174 5.17 4.05 -8.09
CA SER B 174 4.09 3.73 -9.01
C SER B 174 4.67 2.81 -10.08
N SER B 175 3.91 1.79 -10.46
CA SER B 175 4.36 0.85 -11.49
C SER B 175 3.30 0.67 -12.55
N HIS B 176 3.73 0.53 -13.81
CA HIS B 176 2.83 0.30 -14.90
C HIS B 176 3.42 -0.87 -15.69
N TYR B 177 2.64 -1.95 -15.80
CA TYR B 177 3.06 -3.13 -16.53
C TYR B 177 2.21 -3.17 -17.79
N ILE B 178 2.84 -2.94 -18.94
CA ILE B 178 2.13 -2.91 -20.21
C ILE B 178 2.34 -4.18 -21.02
N PHE B 179 1.25 -4.91 -21.25
CA PHE B 179 1.29 -6.17 -21.99
C PHE B 179 1.03 -6.03 -23.49
N ASP B 180 1.64 -6.92 -24.27
CA ASP B 180 1.49 -6.89 -25.73
C ASP B 180 0.16 -7.49 -26.16
N LYS B 181 -0.48 -8.21 -25.25
CA LYS B 181 -1.75 -8.87 -25.53
C LYS B 181 -2.77 -8.45 -24.47
N PRO B 182 -4.03 -8.19 -24.87
CA PRO B 182 -5.04 -7.78 -23.90
C PRO B 182 -5.47 -8.88 -22.94
N PHE B 183 -5.94 -8.48 -21.75
CA PHE B 183 -6.39 -9.42 -20.74
C PHE B 183 -7.84 -9.83 -20.98
N SER B 184 -8.21 -11.00 -20.48
CA SER B 184 -9.58 -11.50 -20.64
C SER B 184 -10.48 -10.75 -19.65
N ALA B 185 -11.78 -10.75 -19.93
CA ALA B 185 -12.72 -10.07 -19.06
C ALA B 185 -12.81 -10.69 -17.67
N ASP B 186 -12.77 -12.01 -17.59
CA ASP B 186 -12.85 -12.66 -16.30
C ASP B 186 -11.60 -12.43 -15.44
N LEU B 187 -10.45 -12.34 -16.08
CA LEU B 187 -9.22 -12.10 -15.35
C LEU B 187 -9.25 -10.74 -14.66
N MET B 188 -9.79 -9.75 -15.36
CA MET B 188 -9.86 -8.40 -14.81
C MET B 188 -10.85 -8.22 -13.67
N LYS B 189 -11.69 -9.22 -13.42
CA LYS B 189 -12.64 -9.14 -12.31
C LYS B 189 -11.90 -9.40 -10.99
N LYS B 190 -10.75 -10.06 -11.09
CA LYS B 190 -9.95 -10.40 -9.93
C LYS B 190 -8.94 -9.32 -9.56
N GLN B 191 -9.41 -8.32 -8.82
CA GLN B 191 -8.57 -7.21 -8.39
C GLN B 191 -9.25 -6.50 -7.23
N PRO B 192 -8.46 -5.81 -6.38
CA PRO B 192 -7.01 -5.68 -6.47
C PRO B 192 -6.30 -6.98 -6.09
N VAL B 193 -5.03 -7.07 -6.46
CA VAL B 193 -4.21 -8.21 -6.08
C VAL B 193 -3.09 -7.59 -5.25
N PHE B 194 -2.86 -8.13 -4.06
CA PHE B 194 -1.81 -7.63 -3.20
C PHE B 194 -0.64 -8.59 -3.20
N VAL B 195 0.57 -8.06 -3.09
CA VAL B 195 1.74 -8.92 -3.06
C VAL B 195 2.72 -8.45 -2.00
N TYR B 196 2.99 -9.34 -1.03
CA TYR B 196 3.94 -9.07 0.01
C TYR B 196 5.28 -9.57 -0.52
N ARG B 197 6.32 -8.76 -0.38
CA ARG B 197 7.63 -9.15 -0.84
C ARG B 197 8.68 -8.73 0.19
N LYS B 198 9.72 -9.54 0.33
CA LYS B 198 10.82 -9.24 1.23
C LYS B 198 12.12 -9.43 0.46
N CYS B 199 13.01 -8.43 0.56
CA CYS B 199 14.30 -8.47 -0.12
C CYS B 199 15.43 -8.69 0.87
N HIS B 200 16.18 -9.77 0.67
CA HIS B 200 17.34 -10.09 1.51
C HIS B 200 18.54 -9.75 0.64
N VAL B 201 19.33 -8.79 1.07
CA VAL B 201 20.47 -8.34 0.28
C VAL B 201 21.84 -8.40 0.92
N LYS B 202 22.84 -8.65 0.06
CA LYS B 202 24.25 -8.69 0.44
C LYS B 202 24.90 -7.84 -0.63
N ALA B 203 25.70 -6.85 -0.24
CA ALA B 203 26.32 -6.00 -1.24
C ALA B 203 27.65 -5.38 -0.86
N THR B 204 28.34 -4.88 -1.90
CA THR B 204 29.62 -4.21 -1.77
C THR B 204 29.52 -3.03 -2.74
N LYS B 205 30.58 -2.23 -2.84
CA LYS B 205 30.57 -1.08 -3.73
C LYS B 205 30.58 -1.50 -5.20
N THR B 206 30.81 -2.78 -5.46
CA THR B 206 30.85 -3.26 -6.84
C THR B 206 29.89 -4.38 -7.20
N GLU B 207 29.42 -5.13 -6.20
CA GLU B 207 28.49 -6.24 -6.47
C GLU B 207 27.34 -6.32 -5.48
N VAL B 208 26.13 -6.56 -6.01
CA VAL B 208 24.95 -6.65 -5.17
C VAL B 208 24.18 -7.95 -5.46
N THR B 209 23.75 -8.62 -4.40
CA THR B 209 23.00 -9.86 -4.55
C THR B 209 21.67 -9.77 -3.81
N LEU B 210 20.61 -10.13 -4.52
CA LEU B 210 19.26 -10.10 -3.96
C LEU B 210 18.63 -11.47 -3.90
N ASP B 211 18.01 -11.76 -2.77
CA ASP B 211 17.27 -13.00 -2.55
C ASP B 211 15.88 -12.48 -2.23
N GLU B 212 14.98 -12.56 -3.21
CA GLU B 212 13.62 -12.05 -3.06
C GLU B 212 12.56 -13.12 -2.81
N ARG B 213 11.67 -12.83 -1.89
CA ARG B 213 10.56 -13.73 -1.54
C ARG B 213 9.27 -12.97 -1.83
N GLU B 214 8.27 -13.68 -2.35
CA GLU B 214 6.99 -13.06 -2.68
C GLU B 214 5.81 -13.96 -2.33
N LYS B 215 4.68 -13.34 -1.99
CA LYS B 215 3.45 -14.08 -1.71
C LYS B 215 2.29 -13.14 -2.03
N ALA B 216 1.49 -13.53 -3.03
CA ALA B 216 0.34 -12.75 -3.46
C ALA B 216 -0.94 -13.22 -2.79
N PHE B 217 -1.90 -12.30 -2.68
CA PHE B 217 -3.19 -12.62 -2.10
C PHE B 217 -4.26 -11.65 -2.57
N TYR B 218 -5.50 -12.14 -2.67
CA TYR B 218 -6.62 -11.31 -3.08
C TYR B 218 -7.26 -10.73 -1.83
N GLU B 219 -7.24 -11.51 -0.75
CA GLU B 219 -7.81 -11.09 0.52
C GLU B 219 -7.23 -11.95 1.65
N LEU B 220 -7.38 -11.48 2.88
CA LEU B 220 -6.89 -12.20 4.05
C LEU B 220 -7.98 -12.29 5.11
#